data_3AW0
#
_entry.id   3AW0
#
_cell.length_a   108.384
_cell.length_b   81.606
_cell.length_c   53.330
_cell.angle_alpha   90.00
_cell.angle_beta   104.24
_cell.angle_gamma   90.00
#
_symmetry.space_group_name_H-M   'C 1 2 1'
#
loop_
_entity.id
_entity.type
_entity.pdbx_description
1 polymer '3C-Like Proteinase'
2 polymer 'peptide ACE-SER-ALA-VAL-LEU-HIS-H'
3 water water
#
loop_
_entity_poly.entity_id
_entity_poly.type
_entity_poly.pdbx_seq_one_letter_code
_entity_poly.pdbx_strand_id
1 'polypeptide(L)'
;SGFRKMAFPSGKVEGCMVQVTCGTTTLNGLWLDDTVYCPRHVICTAEDMLNPNYEDLLIRKSNHSFLVQAGNVQLRVIGH
SMQNCLLRLKVDTSNPKTPKYKFVRIQPGQTFSVLACYNGSPSGVYQCAMRPNHTIKGSFLNGSCGSVGFNIDYDCVSFC
YMHHMELPTGVHAGTDLEGKFYGPFVDIQTAQAAGTDTTITLNVLAWLYAAVINGDRWFLNRFTTTLNDFNLVAMKYNYE
PLTQDHVDILGPLSAQTGIAVLDMCAALKELLQNGMNGRTILGSTILEDEFTPFDVVRQCSGVTFQ
;
A
2 'polypeptide(L)' (ACE)SAVL(HSV) B
#
loop_
_chem_comp.id
_chem_comp.type
_chem_comp.name
_chem_comp.formula
ACE non-polymer 'ACETYL GROUP' 'C2 H4 O'
#
# COMPACT_ATOMS: atom_id res chain seq x y z
N SER A 1 1.65 -7.23 -25.18
CA SER A 1 0.22 -7.11 -24.71
C SER A 1 0.17 -7.76 -23.33
N GLY A 2 -1.05 -7.81 -22.76
CA GLY A 2 -1.26 -8.32 -21.41
C GLY A 2 -1.45 -7.23 -20.38
N PHE A 3 -2.06 -7.57 -19.26
CA PHE A 3 -2.16 -6.62 -18.19
C PHE A 3 -2.32 -7.33 -16.87
N ARG A 4 -1.30 -7.14 -16.01
CA ARG A 4 -1.26 -7.80 -14.73
C ARG A 4 -1.02 -6.86 -13.51
N LYS A 5 -1.46 -7.25 -12.32
CA LYS A 5 -0.99 -6.56 -11.11
C LYS A 5 0.52 -6.84 -11.04
N MET A 6 1.34 -5.82 -11.07
CA MET A 6 2.74 -6.10 -11.19
C MET A 6 3.48 -5.36 -10.10
N ALA A 7 4.22 -6.07 -9.28
CA ALA A 7 5.07 -5.44 -8.25
C ALA A 7 6.38 -4.94 -8.82
N PHE A 8 6.96 -4.00 -8.10
CA PHE A 8 8.31 -3.54 -8.37
C PHE A 8 9.34 -4.59 -7.98
N PRO A 9 10.32 -4.82 -8.83
CA PRO A 9 11.52 -5.63 -8.41
C PRO A 9 11.90 -5.31 -7.00
N SER A 10 12.03 -6.33 -6.16
CA SER A 10 12.31 -6.14 -4.73
C SER A 10 13.77 -6.31 -4.30
N GLY A 11 14.70 -6.35 -5.25
CA GLY A 11 16.10 -6.59 -4.92
C GLY A 11 16.71 -5.55 -3.99
N LYS A 12 16.42 -4.27 -4.22
CA LYS A 12 16.83 -3.23 -3.34
C LYS A 12 16.26 -3.18 -1.97
N VAL A 13 14.91 -3.40 -1.79
CA VAL A 13 14.33 -3.49 -0.43
C VAL A 13 14.82 -4.74 0.34
N GLU A 14 15.00 -5.88 -0.37
CA GLU A 14 15.45 -7.11 0.26
C GLU A 14 16.80 -6.89 1.03
N GLY A 15 17.76 -6.19 0.40
CA GLY A 15 19.06 -5.92 1.03
C GLY A 15 18.92 -5.02 2.26
N CYS A 16 17.70 -4.61 2.59
CA CYS A 16 17.49 -3.82 3.80
C CYS A 16 16.66 -4.44 4.91
N MET A 17 16.18 -5.68 4.77
CA MET A 17 15.38 -6.26 5.84
C MET A 17 16.32 -6.86 6.91
N VAL A 18 15.99 -6.70 8.20
CA VAL A 18 16.67 -7.41 9.25
C VAL A 18 15.64 -7.86 10.26
N GLN A 19 16.14 -8.61 11.24
CA GLN A 19 15.33 -9.15 12.29
C GLN A 19 15.67 -8.35 13.52
N VAL A 20 14.65 -8.06 14.31
CA VAL A 20 14.77 -7.29 15.48
C VAL A 20 14.02 -8.06 16.57
N THR A 21 14.72 -8.27 17.67
CA THR A 21 14.24 -9.06 18.78
C THR A 21 14.37 -8.21 20.04
N CYS A 22 13.28 -8.15 20.78
CA CYS A 22 13.21 -7.57 22.10
C CYS A 22 12.43 -8.58 22.94
N GLY A 23 12.97 -8.98 24.08
CA GLY A 23 12.27 -9.95 24.90
C GLY A 23 11.96 -11.21 24.12
N THR A 24 10.72 -11.68 24.23
CA THR A 24 10.28 -12.87 23.51
C THR A 24 9.65 -12.57 22.15
N THR A 25 9.52 -11.29 21.82
CA THR A 25 8.90 -10.85 20.53
C THR A 25 9.98 -10.69 19.47
N THR A 26 9.72 -11.25 18.31
CA THR A 26 10.55 -11.02 17.14
C THR A 26 9.70 -10.48 15.98
N LEU A 27 10.26 -9.47 15.32
CA LEU A 27 9.75 -9.02 14.05
C LEU A 27 10.82 -8.47 13.11
N ASN A 28 10.36 -7.97 11.96
CA ASN A 28 11.18 -7.40 10.90
C ASN A 28 11.46 -5.92 11.07
N GLY A 29 12.69 -5.52 10.72
CA GLY A 29 13.02 -4.09 10.72
C GLY A 29 13.69 -3.68 9.42
N LEU A 30 13.72 -2.37 9.15
CA LEU A 30 14.26 -1.82 7.89
C LEU A 30 15.57 -1.03 8.14
N TRP A 31 16.64 -1.50 7.54
CA TRP A 31 18.01 -1.02 7.86
C TRP A 31 18.49 -0.17 6.72
N LEU A 32 18.36 1.13 6.92
CA LEU A 32 18.88 2.09 5.96
C LEU A 32 20.06 2.89 6.62
N ASP A 33 21.20 2.97 5.94
CA ASP A 33 22.31 3.69 6.53
C ASP A 33 22.60 3.03 7.88
N ASP A 34 22.68 3.82 8.95
CA ASP A 34 22.92 3.21 10.30
C ASP A 34 21.69 3.21 11.23
N THR A 35 20.49 3.13 10.64
CA THR A 35 19.26 3.10 11.41
C THR A 35 18.39 1.89 11.01
N VAL A 36 17.79 1.24 12.00
CA VAL A 36 16.92 0.15 11.73
C VAL A 36 15.60 0.64 12.23
N TYR A 37 14.59 0.67 11.36
CA TYR A 37 13.25 1.07 11.75
C TYR A 37 12.46 -0.15 12.06
N CYS A 38 11.56 -0.14 13.04
CA CYS A 38 10.67 -1.28 13.23
C CYS A 38 9.44 -0.80 14.02
N PRO A 39 8.37 -1.62 14.10
CA PRO A 39 7.19 -1.19 14.89
C PRO A 39 7.55 -1.25 16.37
N ARG A 40 6.95 -0.37 17.16
CA ARG A 40 7.45 -0.13 18.48
C ARG A 40 6.93 -1.19 19.38
N HIS A 41 5.82 -1.83 18.97
CA HIS A 41 5.36 -2.94 19.79
C HIS A 41 6.30 -4.17 19.83
N VAL A 42 7.47 -4.07 19.24
CA VAL A 42 8.51 -5.08 19.49
C VAL A 42 8.91 -5.16 20.98
N ILE A 43 8.65 -4.07 21.70
CA ILE A 43 8.89 -3.99 23.12
C ILE A 43 7.68 -4.47 23.97
N CYS A 44 6.64 -4.96 23.30
CA CYS A 44 5.44 -5.44 23.99
C CYS A 44 5.52 -6.95 24.23
N THR A 45 4.62 -7.38 25.12
CA THR A 45 4.40 -8.77 25.47
C THR A 45 2.92 -8.94 25.26
N ALA A 46 2.43 -10.17 25.19
CA ALA A 46 1.03 -10.39 24.86
C ALA A 46 0.13 -9.70 25.88
N GLU A 47 0.50 -9.77 27.16
CA GLU A 47 -0.27 -9.11 28.21
C GLU A 47 -0.29 -7.58 28.04
N ASP A 48 0.86 -7.00 27.69
CA ASP A 48 0.98 -5.56 27.54
C ASP A 48 0.12 -4.95 26.44
N MET A 49 0.05 -5.65 25.32
CA MET A 49 -0.69 -5.20 24.15
C MET A 49 -2.11 -4.72 24.47
N LEU A 50 -2.74 -5.29 25.50
CA LEU A 50 -4.11 -4.92 25.77
C LEU A 50 -4.29 -3.46 26.17
N ASN A 51 -3.35 -2.93 26.94
CA ASN A 51 -3.39 -1.53 27.34
C ASN A 51 -2.00 -0.98 27.65
N PRO A 52 -1.20 -0.80 26.62
CA PRO A 52 0.23 -0.50 26.79
C PRO A 52 0.49 1.01 26.87
N ASN A 53 1.49 1.40 27.65
CA ASN A 53 2.03 2.72 27.57
C ASN A 53 3.44 2.57 27.05
N TYR A 54 3.63 3.08 25.83
CA TYR A 54 4.89 2.90 25.13
C TYR A 54 6.00 3.67 25.78
N GLU A 55 5.68 4.89 26.16
CA GLU A 55 6.64 5.78 26.78
C GLU A 55 7.19 5.00 27.97
N ASP A 56 6.27 4.57 28.83
CA ASP A 56 6.66 3.86 30.04
C ASP A 56 7.45 2.60 29.69
N LEU A 57 6.96 1.81 28.72
CA LEU A 57 7.64 0.55 28.45
C LEU A 57 9.05 0.75 27.91
N LEU A 58 9.32 1.88 27.27
CA LEU A 58 10.62 2.04 26.59
C LEU A 58 11.75 2.57 27.47
N ILE A 59 11.45 3.48 28.38
CA ILE A 59 12.40 4.01 29.36
C ILE A 59 13.03 2.81 30.15
N ARG A 60 12.21 1.77 30.36
CA ARG A 60 12.58 0.45 30.94
C ARG A 60 13.47 -0.45 30.10
N LYS A 61 13.85 -0.02 28.90
CA LYS A 61 14.80 -0.78 28.07
C LYS A 61 16.13 -0.06 27.84
N SER A 62 17.20 -0.84 27.60
CA SER A 62 18.47 -0.26 27.16
C SER A 62 18.77 -0.62 25.70
N ASN A 63 19.91 -0.13 25.19
CA ASN A 63 20.35 -0.45 23.83
C ASN A 63 20.50 -1.93 23.66
N HIS A 64 20.98 -2.60 24.70
CA HIS A 64 21.27 -4.01 24.60
C HIS A 64 20.03 -4.83 24.98
N SER A 65 18.90 -4.17 25.20
CA SER A 65 17.62 -4.90 25.24
C SER A 65 17.16 -5.28 23.79
N PHE A 66 17.87 -4.79 22.78
CA PHE A 66 17.47 -5.02 21.39
C PHE A 66 18.48 -5.83 20.64
N LEU A 67 18.06 -6.94 20.04
CA LEU A 67 18.94 -7.73 19.20
C LEU A 67 18.60 -7.50 17.73
N VAL A 68 19.59 -7.10 16.93
CA VAL A 68 19.41 -6.85 15.51
C VAL A 68 20.32 -7.74 14.68
N GLN A 69 19.76 -8.60 13.84
CA GLN A 69 20.62 -9.36 12.97
C GLN A 69 20.34 -9.37 11.48
N ALA A 70 21.40 -9.29 10.69
CA ALA A 70 21.32 -9.33 9.24
C ALA A 70 22.06 -10.59 8.83
N GLY A 71 21.39 -11.46 8.07
CA GLY A 71 22.02 -12.72 7.74
C GLY A 71 22.35 -13.32 9.08
N ASN A 72 23.61 -13.73 9.25
CA ASN A 72 24.08 -14.26 10.53
C ASN A 72 24.84 -13.22 11.34
N VAL A 73 24.86 -11.97 10.88
CA VAL A 73 25.67 -10.95 11.50
C VAL A 73 24.83 -10.28 12.57
N GLN A 74 25.28 -10.34 13.80
CA GLN A 74 24.64 -9.66 14.89
C GLN A 74 25.03 -8.17 14.75
N LEU A 75 24.04 -7.29 14.71
CA LEU A 75 24.38 -5.88 14.66
C LEU A 75 24.18 -5.31 16.04
N ARG A 76 25.08 -4.40 16.41
CA ARG A 76 25.02 -3.88 17.75
C ARG A 76 24.28 -2.58 17.78
N VAL A 77 23.34 -2.46 18.72
CA VAL A 77 22.59 -1.23 18.87
C VAL A 77 23.28 -0.21 19.73
N ILE A 78 23.42 1.02 19.25
CA ILE A 78 24.13 2.00 20.02
C ILE A 78 23.37 3.27 20.23
N GLY A 79 22.05 3.21 20.07
CA GLY A 79 21.13 4.35 20.25
C GLY A 79 19.69 3.88 19.98
N HIS A 80 18.71 4.58 20.50
CA HIS A 80 17.29 4.22 20.26
C HIS A 80 16.42 5.40 20.60
N SER A 81 15.33 5.59 19.82
CA SER A 81 14.35 6.62 20.11
C SER A 81 12.93 6.26 19.57
N MET A 82 11.89 6.77 20.17
CA MET A 82 10.58 6.40 19.65
C MET A 82 10.07 7.47 18.72
N GLN A 83 9.73 7.14 17.50
CA GLN A 83 9.13 8.16 16.64
C GLN A 83 7.73 7.75 16.31
N ASN A 84 6.74 8.45 16.85
CA ASN A 84 5.35 8.07 16.62
C ASN A 84 5.10 6.62 17.05
N CYS A 85 4.79 5.76 16.09
CA CYS A 85 4.58 4.32 16.38
C CYS A 85 5.76 3.45 16.02
N LEU A 86 6.89 4.08 15.74
CA LEU A 86 8.05 3.35 15.34
C LEU A 86 9.24 3.54 16.30
N LEU A 87 10.20 2.66 16.14
CA LEU A 87 11.42 2.73 16.87
C LEU A 87 12.53 2.94 15.88
N ARG A 88 13.41 3.85 16.21
CA ARG A 88 14.62 4.07 15.42
C ARG A 88 15.84 3.52 16.17
N LEU A 89 16.41 2.42 15.73
CA LEU A 89 17.52 1.85 16.46
C LEU A 89 18.81 2.23 15.75
N LYS A 90 19.66 3.00 16.40
CA LYS A 90 20.94 3.30 15.77
C LYS A 90 21.82 2.11 16.01
N VAL A 91 22.45 1.60 14.96
CA VAL A 91 23.35 0.47 15.05
C VAL A 91 24.79 0.91 14.68
N ASP A 92 25.78 0.05 14.96
CA ASP A 92 27.23 0.35 14.79
C ASP A 92 27.80 0.17 13.35
N THR A 93 27.00 -0.39 12.43
CA THR A 93 27.35 -0.51 10.98
C THR A 93 26.31 0.15 10.06
N SER A 94 26.77 0.83 9.01
CA SER A 94 25.87 1.38 8.01
C SER A 94 25.57 0.28 6.99
N ASN A 95 24.29 0.12 6.60
CA ASN A 95 23.95 -0.89 5.60
C ASN A 95 24.73 -0.61 4.31
N PRO A 96 25.58 -1.57 3.86
CA PRO A 96 26.22 -1.16 2.60
C PRO A 96 25.29 -1.39 1.39
N LYS A 97 24.20 -2.12 1.57
CA LYS A 97 23.23 -2.32 0.47
C LYS A 97 22.21 -1.22 0.45
N THR A 98 22.35 -0.23 1.35
CA THR A 98 21.44 0.93 1.34
C THR A 98 21.33 1.56 -0.05
N PRO A 99 20.11 1.64 -0.60
CA PRO A 99 19.87 2.29 -1.90
C PRO A 99 19.55 3.76 -1.74
N LYS A 100 19.45 4.49 -2.85
CA LYS A 100 18.81 5.79 -2.80
C LYS A 100 17.33 5.58 -2.42
N TYR A 101 16.84 6.42 -1.52
CA TYR A 101 15.51 6.28 -0.93
C TYR A 101 14.99 7.59 -0.37
N LYS A 102 13.71 7.55 -0.02
CA LYS A 102 13.01 8.58 0.67
C LYS A 102 11.71 8.00 1.26
N PHE A 103 11.08 8.78 2.14
CA PHE A 103 9.91 8.42 2.84
C PHE A 103 8.79 9.34 2.37
N VAL A 104 7.68 8.73 1.96
CA VAL A 104 6.51 9.43 1.50
C VAL A 104 5.28 8.93 2.22
N ARG A 105 4.40 9.86 2.51
CA ARG A 105 3.10 9.43 2.93
C ARG A 105 2.28 9.18 1.66
N ILE A 106 1.88 7.94 1.44
CA ILE A 106 0.99 7.55 0.32
C ILE A 106 -0.41 8.13 0.56
N GLN A 107 -1.13 8.49 -0.50
CA GLN A 107 -2.53 8.99 -0.39
C GLN A 107 -3.53 7.89 -0.69
N PRO A 108 -4.76 8.00 -0.19
CA PRO A 108 -5.81 6.98 -0.52
C PRO A 108 -5.97 6.77 -2.02
N GLY A 109 -6.08 5.52 -2.47
CA GLY A 109 -6.11 5.27 -3.91
C GLY A 109 -4.75 4.93 -4.52
N GLN A 110 -3.63 5.37 -3.91
CA GLN A 110 -2.35 5.09 -4.57
C GLN A 110 -1.92 3.67 -4.29
N THR A 111 -1.03 3.15 -5.13
CA THR A 111 -0.60 1.80 -4.96
C THR A 111 0.88 1.69 -4.49
N PHE A 112 1.24 0.51 -3.98
CA PHE A 112 2.62 0.18 -3.71
C PHE A 112 2.75 -1.31 -3.67
N SER A 113 4.00 -1.74 -3.70
CA SER A 113 4.38 -3.10 -3.57
C SER A 113 4.76 -3.34 -2.11
N VAL A 114 4.56 -4.59 -1.65
CA VAL A 114 4.74 -4.96 -0.25
C VAL A 114 5.72 -6.14 -0.30
N LEU A 115 6.82 -6.08 0.46
CA LEU A 115 7.74 -7.25 0.46
C LEU A 115 7.39 -7.94 1.75
N ALA A 116 6.59 -9.01 1.68
CA ALA A 116 6.27 -9.74 2.89
C ALA A 116 7.55 -10.46 3.49
N CYS A 117 7.78 -10.28 4.79
CA CYS A 117 8.96 -10.89 5.45
C CYS A 117 8.68 -11.54 6.76
N TYR A 118 9.43 -12.62 7.02
CA TYR A 118 9.41 -13.29 8.33
C TYR A 118 10.83 -13.38 8.91
N ASN A 119 11.00 -13.11 10.19
CA ASN A 119 12.34 -13.26 10.85
C ASN A 119 13.45 -12.56 10.05
N GLY A 120 13.21 -11.30 9.66
CA GLY A 120 14.08 -10.56 8.69
C GLY A 120 14.35 -11.21 7.34
N SER A 121 13.58 -12.23 7.00
CA SER A 121 13.79 -12.96 5.77
C SER A 121 12.58 -12.79 4.80
N PRO A 122 12.83 -12.28 3.59
CA PRO A 122 11.74 -11.94 2.64
C PRO A 122 11.04 -13.17 2.09
N SER A 123 9.75 -13.39 2.38
CA SER A 123 9.07 -14.54 1.82
C SER A 123 8.49 -14.27 0.41
N GLY A 124 7.96 -13.09 0.13
CA GLY A 124 7.22 -12.93 -1.14
C GLY A 124 6.82 -11.51 -1.45
N VAL A 125 6.39 -11.23 -2.67
CA VAL A 125 6.01 -9.84 -2.95
C VAL A 125 4.65 -9.61 -3.73
N TYR A 126 3.84 -8.62 -3.36
CA TYR A 126 2.65 -8.33 -4.21
C TYR A 126 2.26 -6.87 -4.14
N GLN A 127 1.38 -6.45 -5.04
CA GLN A 127 1.00 -5.04 -5.10
C GLN A 127 -0.41 -4.78 -4.56
N CYS A 128 -0.51 -3.83 -3.63
CA CYS A 128 -1.78 -3.49 -3.02
C CYS A 128 -2.04 -1.98 -3.00
N ALA A 129 -3.31 -1.62 -3.14
CA ALA A 129 -3.77 -0.20 -3.10
C ALA A 129 -4.11 0.20 -1.67
N MET A 130 -3.73 1.41 -1.27
CA MET A 130 -4.26 1.99 -0.03
C MET A 130 -5.78 2.25 -0.20
N ARG A 131 -6.63 1.66 0.61
CA ARG A 131 -8.06 1.84 0.38
C ARG A 131 -8.46 3.20 0.86
N PRO A 132 -9.67 3.65 0.44
CA PRO A 132 -10.29 4.83 0.99
C PRO A 132 -10.49 4.78 2.48
N ASN A 133 -10.69 3.62 3.06
CA ASN A 133 -10.80 3.55 4.49
C ASN A 133 -9.44 3.29 5.19
N HIS A 134 -8.35 3.43 4.44
CA HIS A 134 -6.99 3.37 4.97
C HIS A 134 -6.57 1.97 5.40
N THR A 135 -7.10 0.93 4.77
CA THR A 135 -6.70 -0.43 5.02
C THR A 135 -6.18 -0.92 3.69
N ILE A 136 -5.49 -2.07 3.72
CA ILE A 136 -5.02 -2.70 2.49
C ILE A 136 -5.33 -4.19 2.57
N LYS A 137 -5.67 -4.82 1.45
CA LYS A 137 -5.95 -6.25 1.46
C LYS A 137 -4.67 -6.99 1.26
N GLY A 138 -3.89 -7.14 2.31
CA GLY A 138 -2.61 -7.80 2.13
C GLY A 138 -2.80 -9.26 2.42
N SER A 139 -1.67 -9.95 2.49
CA SER A 139 -1.65 -11.29 3.01
C SER A 139 -0.51 -11.42 4.03
N PHE A 140 -0.84 -11.44 5.33
CA PHE A 140 0.16 -11.38 6.37
C PHE A 140 -0.07 -12.41 7.41
N LEU A 141 1.01 -12.94 8.01
CA LEU A 141 0.86 -13.89 9.14
C LEU A 141 1.51 -13.35 10.39
N ASN A 142 1.38 -14.08 11.49
CA ASN A 142 2.08 -13.65 12.68
C ASN A 142 3.58 -13.62 12.38
N GLY A 143 4.24 -12.56 12.78
CA GLY A 143 5.67 -12.37 12.52
C GLY A 143 5.96 -11.53 11.30
N SER A 144 4.92 -11.11 10.58
CA SER A 144 5.09 -10.24 9.42
C SER A 144 5.25 -8.73 9.73
N CYS A 145 5.13 -8.28 10.97
CA CYS A 145 5.28 -6.86 11.26
C CYS A 145 6.69 -6.39 10.94
N GLY A 146 6.79 -5.08 10.67
CA GLY A 146 7.95 -4.53 10.03
C GLY A 146 8.10 -4.82 8.57
N SER A 147 7.23 -5.67 7.97
CA SER A 147 7.24 -5.84 6.49
C SER A 147 6.95 -4.50 5.88
N VAL A 148 7.53 -4.17 4.70
CA VAL A 148 7.30 -2.82 4.18
C VAL A 148 6.73 -2.74 2.78
N GLY A 149 6.14 -1.59 2.50
CA GLY A 149 5.53 -1.25 1.20
C GLY A 149 6.25 -0.09 0.57
N PHE A 150 6.41 -0.12 -0.74
CA PHE A 150 7.21 0.90 -1.40
C PHE A 150 6.86 0.93 -2.87
N ASN A 151 7.17 2.06 -3.49
CA ASN A 151 7.40 2.20 -4.94
C ASN A 151 8.87 2.48 -5.29
N ILE A 152 9.24 2.21 -6.53
CA ILE A 152 10.57 2.62 -7.00
C ILE A 152 10.45 3.48 -8.23
N ASP A 153 11.07 4.66 -8.19
CA ASP A 153 11.10 5.56 -9.33
C ASP A 153 12.56 5.76 -9.67
N TYR A 154 12.92 5.53 -10.92
CA TYR A 154 14.32 5.64 -11.29
C TYR A 154 15.08 4.68 -10.38
N ASP A 155 16.14 5.17 -9.75
CA ASP A 155 16.93 4.37 -8.82
C ASP A 155 16.54 4.59 -7.36
N CYS A 156 15.51 5.40 -7.12
CA CYS A 156 15.15 5.75 -5.76
C CYS A 156 14.01 4.86 -5.24
N VAL A 157 14.02 4.58 -3.95
CA VAL A 157 13.03 3.75 -3.34
C VAL A 157 12.19 4.61 -2.44
N SER A 158 10.90 4.71 -2.77
CA SER A 158 10.01 5.48 -1.96
C SER A 158 9.30 4.54 -1.03
N PHE A 159 9.78 4.48 0.22
CA PHE A 159 9.17 3.73 1.28
C PHE A 159 7.93 4.48 1.75
N CYS A 160 6.77 3.84 1.67
CA CYS A 160 5.55 4.45 2.20
C CYS A 160 4.84 3.66 3.29
N TYR A 161 5.23 2.43 3.59
CA TYR A 161 4.40 1.65 4.56
C TYR A 161 5.17 0.64 5.42
N MET A 162 4.94 0.65 6.72
CA MET A 162 5.41 -0.46 7.54
C MET A 162 4.18 -1.19 8.13
N HIS A 163 4.13 -2.52 8.06
CA HIS A 163 3.01 -3.27 8.61
C HIS A 163 3.10 -3.40 10.14
N HIS A 164 1.98 -3.05 10.79
CA HIS A 164 1.84 -3.13 12.25
C HIS A 164 0.73 -4.04 12.81
N MET A 165 -0.35 -4.28 12.05
CA MET A 165 -1.41 -5.13 12.57
C MET A 165 -2.50 -5.51 11.58
N GLU A 166 -3.44 -6.31 12.05
CA GLU A 166 -4.52 -6.85 11.26
C GLU A 166 -5.85 -6.62 11.92
N LEU A 167 -6.81 -6.19 11.12
CA LEU A 167 -8.11 -5.85 11.65
C LEU A 167 -8.99 -7.08 11.67
N PRO A 168 -10.13 -6.99 12.36
CA PRO A 168 -11.04 -8.15 12.49
C PRO A 168 -11.52 -8.71 11.15
N THR A 169 -11.69 -7.84 10.15
CA THR A 169 -12.13 -8.31 8.82
C THR A 169 -11.02 -9.01 8.07
N GLY A 170 -9.80 -9.00 8.62
CA GLY A 170 -8.68 -9.66 7.96
C GLY A 170 -7.90 -8.78 6.98
N VAL A 171 -8.14 -7.46 7.04
CA VAL A 171 -7.34 -6.49 6.30
C VAL A 171 -6.29 -5.85 7.23
N HIS A 172 -5.35 -5.12 6.62
CA HIS A 172 -4.15 -4.71 7.36
C HIS A 172 -4.02 -3.22 7.57
N ALA A 173 -3.49 -2.83 8.73
CA ALA A 173 -3.21 -1.43 9.05
C ALA A 173 -1.70 -1.21 9.49
N GLY A 174 -1.21 0.00 9.31
CA GLY A 174 0.23 0.23 9.32
C GLY A 174 0.48 1.72 9.25
N THR A 175 1.75 2.09 9.16
CA THR A 175 2.13 3.47 9.35
C THR A 175 2.93 3.84 8.15
N ASP A 176 3.15 5.13 7.96
CA ASP A 176 4.17 5.53 7.01
C ASP A 176 5.51 5.34 7.76
N LEU A 177 6.61 5.84 7.20
CA LEU A 177 7.92 5.53 7.77
C LEU A 177 8.41 6.58 8.75
N GLU A 178 7.45 7.38 9.19
CA GLU A 178 7.60 8.25 10.34
C GLU A 178 6.76 7.73 11.50
N GLY A 179 6.14 6.57 11.36
CA GLY A 179 5.39 5.99 12.45
C GLY A 179 3.95 6.52 12.61
N LYS A 180 3.49 7.31 11.67
CA LYS A 180 2.17 7.87 11.84
C LYS A 180 1.21 6.91 11.13
N PHE A 181 0.32 6.29 11.87
CA PHE A 181 -0.68 5.38 11.25
C PHE A 181 -1.38 5.91 10.00
N TYR A 182 -1.67 5.02 9.06
CA TYR A 182 -2.64 5.31 8.02
C TYR A 182 -3.97 4.95 8.63
N GLY A 183 -4.82 5.96 8.75
CA GLY A 183 -6.22 5.79 9.23
C GLY A 183 -6.41 6.10 10.70
N PRO A 184 -7.62 5.93 11.21
CA PRO A 184 -7.84 6.11 12.64
C PRO A 184 -7.49 4.81 13.36
N PHE A 185 -6.22 4.43 13.39
CA PHE A 185 -5.84 3.20 14.09
C PHE A 185 -4.68 3.46 15.04
N VAL A 186 -4.58 2.59 16.06
CA VAL A 186 -3.56 2.69 17.08
C VAL A 186 -3.01 1.29 17.29
N ASP A 187 -1.75 1.20 17.74
CA ASP A 187 -1.10 -0.09 17.94
C ASP A 187 -1.41 -0.65 19.30
N ILE A 188 -2.68 -1.03 19.51
CA ILE A 188 -3.10 -1.60 20.77
C ILE A 188 -4.00 -2.82 20.52
N GLN A 189 -3.98 -3.76 21.45
CA GLN A 189 -4.82 -4.94 21.32
C GLN A 189 -6.21 -4.62 21.86
N THR A 190 -6.93 -3.78 21.12
CA THR A 190 -8.27 -3.37 21.53
C THR A 190 -9.24 -3.36 20.35
N ALA A 191 -10.52 -3.55 20.65
CA ALA A 191 -11.59 -3.55 19.62
C ALA A 191 -11.44 -2.36 18.62
N GLN A 192 -11.28 -2.69 17.34
CA GLN A 192 -10.97 -1.66 16.35
C GLN A 192 -11.53 -2.15 15.04
N ALA A 193 -12.08 -1.30 14.19
CA ALA A 193 -12.65 -1.85 12.95
C ALA A 193 -12.48 -0.96 11.74
N ALA A 194 -12.21 -1.57 10.59
CA ALA A 194 -12.32 -0.86 9.31
C ALA A 194 -13.65 -0.09 9.20
N GLY A 195 -13.56 1.16 8.73
CA GLY A 195 -14.73 1.92 8.25
C GLY A 195 -15.19 1.38 6.91
N THR A 196 -16.41 1.74 6.52
CA THR A 196 -16.96 1.35 5.21
C THR A 196 -16.00 1.84 4.14
N ASP A 197 -15.78 1.04 3.11
CA ASP A 197 -14.92 1.42 2.00
C ASP A 197 -15.79 1.80 0.78
N THR A 198 -15.15 2.24 -0.29
CA THR A 198 -15.86 2.72 -1.46
C THR A 198 -14.91 2.35 -2.57
N THR A 199 -15.39 2.39 -3.81
CA THR A 199 -14.64 1.98 -4.98
C THR A 199 -13.89 3.19 -5.51
N ILE A 200 -12.62 3.02 -5.83
CA ILE A 200 -11.81 4.12 -6.28
C ILE A 200 -12.13 4.44 -7.73
N THR A 201 -13.00 5.42 -7.95
CA THR A 201 -13.45 5.77 -9.32
C THR A 201 -12.32 6.11 -10.28
N LEU A 202 -11.37 6.92 -9.83
CA LEU A 202 -10.31 7.35 -10.70
C LEU A 202 -9.66 6.11 -11.25
N ASN A 203 -9.48 5.06 -10.45
CA ASN A 203 -8.80 3.87 -10.95
C ASN A 203 -9.57 3.00 -11.91
N VAL A 204 -10.90 2.82 -11.65
CA VAL A 204 -11.73 2.06 -12.53
C VAL A 204 -11.65 2.65 -13.91
N LEU A 205 -11.72 3.98 -14.00
CA LEU A 205 -11.57 4.68 -15.26
C LEU A 205 -10.20 4.50 -15.89
N ALA A 206 -9.13 4.70 -15.12
CA ALA A 206 -7.76 4.44 -15.64
C ALA A 206 -7.75 3.04 -16.22
N TRP A 207 -8.35 2.10 -15.50
CA TRP A 207 -8.33 0.72 -16.02
C TRP A 207 -9.15 0.50 -17.32
N LEU A 208 -10.28 1.22 -17.42
CA LEU A 208 -11.05 1.12 -18.67
C LEU A 208 -10.23 1.70 -19.81
N TYR A 209 -9.51 2.77 -19.54
CA TYR A 209 -8.56 3.22 -20.59
C TYR A 209 -7.53 2.17 -21.00
N ALA A 210 -7.09 1.36 -20.04
CA ALA A 210 -6.11 0.33 -20.34
C ALA A 210 -6.73 -0.69 -21.30
N ALA A 211 -7.95 -1.13 -21.01
CA ALA A 211 -8.70 -1.99 -21.90
C ALA A 211 -8.66 -1.47 -23.35
N VAL A 212 -8.94 -0.19 -23.52
CA VAL A 212 -8.87 0.39 -24.84
C VAL A 212 -7.48 0.43 -25.36
N ILE A 213 -6.52 0.90 -24.57
CA ILE A 213 -5.14 0.93 -25.07
C ILE A 213 -4.82 -0.49 -25.50
N ASN A 214 -5.39 -1.46 -24.80
CA ASN A 214 -5.32 -2.86 -25.23
C ASN A 214 -6.38 -3.20 -26.26
N GLY A 215 -7.02 -2.17 -26.79
CA GLY A 215 -7.65 -2.25 -28.10
C GLY A 215 -9.06 -2.81 -28.02
N ASP A 216 -9.45 -3.22 -26.82
CA ASP A 216 -10.83 -3.56 -26.55
C ASP A 216 -11.64 -2.31 -26.28
N ARG A 217 -12.75 -2.16 -27.03
CA ARG A 217 -13.69 -1.04 -26.94
C ARG A 217 -15.16 -1.46 -26.72
N TRP A 218 -15.44 -2.74 -26.46
CA TRP A 218 -16.88 -3.18 -26.46
C TRP A 218 -17.86 -2.42 -25.56
N PHE A 219 -17.38 -1.87 -24.44
CA PHE A 219 -18.19 -1.28 -23.35
C PHE A 219 -18.39 0.21 -23.52
N LEU A 220 -17.79 0.83 -24.53
CA LEU A 220 -18.15 2.21 -24.87
C LEU A 220 -19.61 2.40 -25.35
N ASN A 221 -20.02 3.67 -25.43
CA ASN A 221 -21.34 4.05 -25.95
C ASN A 221 -21.36 5.45 -26.61
N ARG A 222 -22.52 5.82 -27.18
CA ARG A 222 -22.70 7.06 -27.98
C ARG A 222 -22.88 8.26 -27.05
N PHE A 223 -23.13 7.96 -25.79
CA PHE A 223 -23.46 8.98 -24.83
C PHE A 223 -22.27 9.76 -24.27
N THR A 224 -22.64 10.85 -23.59
CA THR A 224 -21.77 11.62 -22.74
C THR A 224 -22.53 11.91 -21.44
N THR A 225 -21.83 12.51 -20.47
CA THR A 225 -22.51 12.82 -19.23
C THR A 225 -21.90 14.07 -18.63
N THR A 226 -22.68 14.80 -17.84
CA THR A 226 -22.12 15.85 -16.98
C THR A 226 -21.45 15.22 -15.78
N LEU A 227 -20.38 15.86 -15.31
CA LEU A 227 -19.75 15.43 -14.08
C LEU A 227 -20.81 15.15 -12.97
N ASN A 228 -21.67 16.14 -12.79
CA ASN A 228 -22.67 16.13 -11.77
C ASN A 228 -23.70 14.99 -11.93
N ASP A 229 -24.10 14.67 -13.18
CA ASP A 229 -25.00 13.52 -13.36
C ASP A 229 -24.25 12.19 -13.20
N PHE A 230 -22.95 12.23 -13.47
CA PHE A 230 -22.15 11.06 -13.16
C PHE A 230 -22.22 10.78 -11.67
N ASN A 231 -22.04 11.82 -10.87
CA ASN A 231 -21.97 11.59 -9.46
C ASN A 231 -23.20 11.06 -8.75
N LEU A 232 -24.40 11.38 -9.25
CA LEU A 232 -25.60 10.89 -8.61
C LEU A 232 -25.57 9.41 -8.80
N VAL A 233 -25.09 8.97 -9.96
CA VAL A 233 -24.92 7.54 -10.22
C VAL A 233 -23.73 6.99 -9.39
N ALA A 234 -22.55 7.61 -9.43
CA ALA A 234 -21.44 7.14 -8.53
C ALA A 234 -21.91 6.81 -7.08
N MET A 235 -22.71 7.70 -6.51
CA MET A 235 -23.18 7.58 -5.13
C MET A 235 -24.08 6.40 -4.89
N LYS A 236 -24.93 6.16 -5.86
CA LYS A 236 -25.89 5.09 -5.76
C LYS A 236 -25.13 3.77 -5.64
N TYR A 237 -23.96 3.70 -6.29
CA TYR A 237 -23.20 2.44 -6.47
C TYR A 237 -22.00 2.27 -5.53
N ASN A 238 -21.84 3.24 -4.64
CA ASN A 238 -20.73 3.28 -3.67
C ASN A 238 -19.38 3.43 -4.36
N TYR A 239 -19.38 4.26 -5.40
CA TYR A 239 -18.18 4.80 -6.04
C TYR A 239 -17.92 6.20 -5.51
N GLU A 240 -16.60 6.58 -5.45
CA GLU A 240 -16.16 7.86 -4.92
C GLU A 240 -16.74 8.80 -5.91
N PRO A 241 -17.07 10.04 -5.51
CA PRO A 241 -17.41 11.01 -6.57
C PRO A 241 -16.17 11.31 -7.42
N LEU A 242 -16.40 11.64 -8.69
CA LEU A 242 -15.37 12.20 -9.52
C LEU A 242 -15.40 13.75 -9.40
N THR A 243 -14.21 14.29 -9.57
CA THR A 243 -13.93 15.67 -9.32
C THR A 243 -13.31 16.10 -10.58
N GLN A 244 -13.34 17.39 -10.82
CA GLN A 244 -12.53 17.98 -11.88
C GLN A 244 -11.01 17.62 -11.82
N ASP A 245 -10.39 17.49 -10.65
CA ASP A 245 -8.90 17.16 -10.58
C ASP A 245 -8.61 15.75 -11.15
N HIS A 246 -9.48 14.81 -10.79
CA HIS A 246 -9.42 13.46 -11.35
C HIS A 246 -9.66 13.45 -12.85
N VAL A 247 -10.59 14.30 -13.33
CA VAL A 247 -10.75 14.46 -14.79
C VAL A 247 -9.42 14.95 -15.38
N ASP A 248 -8.78 15.97 -14.82
CA ASP A 248 -7.48 16.44 -15.42
C ASP A 248 -6.45 15.34 -15.47
N ILE A 249 -6.46 14.47 -14.46
CA ILE A 249 -5.42 13.44 -14.35
C ILE A 249 -5.52 12.42 -15.49
N LEU A 250 -6.75 12.16 -15.92
CA LEU A 250 -7.02 11.15 -16.94
C LEU A 250 -6.85 11.64 -18.38
N GLY A 251 -6.47 12.90 -18.54
CA GLY A 251 -6.35 13.48 -19.86
C GLY A 251 -5.33 12.84 -20.80
N PRO A 252 -4.17 12.46 -20.28
CA PRO A 252 -3.14 11.83 -21.12
C PRO A 252 -3.66 10.52 -21.71
N LEU A 253 -4.35 9.75 -20.88
CA LEU A 253 -5.00 8.51 -21.27
C LEU A 253 -6.18 8.79 -22.20
N SER A 254 -6.86 9.92 -21.98
CA SER A 254 -7.87 10.38 -22.91
C SER A 254 -7.24 10.74 -24.26
N ALA A 255 -6.07 11.39 -24.22
CA ALA A 255 -5.39 11.84 -25.43
C ALA A 255 -4.84 10.69 -26.24
N GLN A 256 -4.29 9.67 -25.57
CA GLN A 256 -3.75 8.48 -26.27
C GLN A 256 -4.87 7.66 -26.89
N THR A 257 -6.06 7.67 -26.32
CA THR A 257 -7.16 6.84 -26.87
C THR A 257 -8.18 7.59 -27.72
N GLY A 258 -8.18 8.92 -27.58
CA GLY A 258 -9.21 9.75 -28.17
C GLY A 258 -10.59 9.60 -27.56
N ILE A 259 -10.68 9.01 -26.37
CA ILE A 259 -11.96 8.98 -25.69
C ILE A 259 -12.09 10.02 -24.59
N ALA A 260 -13.11 10.87 -24.72
CA ALA A 260 -13.30 11.98 -23.79
C ALA A 260 -13.64 11.38 -22.45
N VAL A 261 -13.05 11.97 -21.41
CA VAL A 261 -13.24 11.51 -20.04
C VAL A 261 -14.71 11.37 -19.67
N LEU A 262 -15.47 12.41 -19.96
CA LEU A 262 -16.90 12.44 -19.66
C LEU A 262 -17.57 11.39 -20.51
N ASP A 263 -16.98 11.09 -21.68
CA ASP A 263 -17.54 10.04 -22.53
C ASP A 263 -17.30 8.71 -21.81
N MET A 264 -16.04 8.48 -21.40
CA MET A 264 -15.71 7.31 -20.59
C MET A 264 -16.58 7.11 -19.36
N CYS A 265 -16.87 8.20 -18.66
CA CYS A 265 -17.73 8.13 -17.48
C CYS A 265 -19.10 7.61 -17.81
N ALA A 266 -19.59 7.97 -19.00
CA ALA A 266 -20.90 7.53 -19.49
C ALA A 266 -20.80 6.05 -19.77
N ALA A 267 -19.65 5.64 -20.33
CA ALA A 267 -19.38 4.22 -20.48
C ALA A 267 -19.59 3.55 -19.14
N LEU A 268 -18.85 4.03 -18.13
CA LEU A 268 -18.89 3.48 -16.77
C LEU A 268 -20.30 3.49 -16.18
N LYS A 269 -20.94 4.66 -16.21
CA LYS A 269 -22.28 4.78 -15.70
C LYS A 269 -23.18 3.67 -16.28
N GLU A 270 -23.02 3.39 -17.56
CA GLU A 270 -23.77 2.28 -18.22
C GLU A 270 -23.37 0.89 -17.66
N LEU A 271 -22.04 0.69 -17.50
CA LEU A 271 -21.54 -0.55 -16.91
C LEU A 271 -22.15 -0.78 -15.55
N LEU A 272 -22.16 0.28 -14.76
CA LEU A 272 -22.74 0.22 -13.44
C LEU A 272 -24.22 -0.18 -13.52
N GLN A 273 -24.96 0.40 -14.47
CA GLN A 273 -26.41 0.12 -14.54
C GLN A 273 -26.74 -1.19 -15.16
N ASN A 274 -26.04 -1.57 -16.22
CA ASN A 274 -26.41 -2.80 -16.94
C ASN A 274 -25.59 -4.07 -16.65
N GLY A 275 -24.61 -3.97 -15.76
CA GLY A 275 -23.69 -5.07 -15.54
C GLY A 275 -22.78 -5.21 -16.74
N MET A 276 -22.04 -6.31 -16.80
CA MET A 276 -21.12 -6.56 -17.91
C MET A 276 -21.68 -7.61 -18.92
N ASN A 277 -22.91 -8.05 -18.67
CA ASN A 277 -23.59 -9.14 -19.41
C ASN A 277 -22.73 -10.39 -19.72
N GLY A 278 -22.12 -10.95 -18.67
CA GLY A 278 -21.24 -12.12 -18.78
C GLY A 278 -19.93 -11.93 -19.53
N ARG A 279 -19.52 -10.66 -19.73
CA ARG A 279 -18.27 -10.41 -20.46
C ARG A 279 -17.12 -10.05 -19.56
N THR A 280 -15.94 -9.97 -20.15
CA THR A 280 -14.74 -9.64 -19.39
C THR A 280 -14.08 -8.36 -19.91
N ILE A 281 -13.37 -7.65 -19.04
CA ILE A 281 -12.50 -6.54 -19.48
C ILE A 281 -11.09 -6.80 -18.98
N LEU A 282 -10.11 -6.81 -19.87
CA LEU A 282 -8.76 -7.10 -19.42
C LEU A 282 -8.81 -8.44 -18.66
N GLY A 283 -9.65 -9.35 -19.14
CA GLY A 283 -9.83 -10.68 -18.55
C GLY A 283 -10.40 -10.72 -17.16
N SER A 284 -11.03 -9.64 -16.71
CA SER A 284 -11.77 -9.65 -15.44
C SER A 284 -13.28 -9.53 -15.67
N THR A 285 -14.04 -10.21 -14.84
CA THR A 285 -15.51 -10.22 -14.91
C THR A 285 -16.09 -9.09 -14.06
N ILE A 286 -15.20 -8.29 -13.48
CA ILE A 286 -15.54 -7.34 -12.41
C ILE A 286 -14.88 -6.02 -12.77
N LEU A 287 -15.33 -4.90 -12.20
CA LEU A 287 -14.68 -3.63 -12.49
C LEU A 287 -13.51 -3.40 -11.53
N GLU A 288 -12.35 -3.12 -12.07
CA GLU A 288 -11.14 -3.23 -11.24
C GLU A 288 -10.67 -1.86 -10.79
N ASP A 289 -10.61 -1.63 -9.49
CA ASP A 289 -10.15 -0.32 -9.05
C ASP A 289 -8.77 -0.31 -8.38
N GLU A 290 -7.90 -1.28 -8.65
CA GLU A 290 -6.61 -1.26 -7.95
C GLU A 290 -5.42 -0.88 -8.81
N PHE A 291 -5.68 -0.32 -9.99
CA PHE A 291 -4.68 0.30 -10.86
C PHE A 291 -4.92 1.79 -11.03
N THR A 292 -3.93 2.58 -10.62
CA THR A 292 -3.92 4.04 -10.71
C THR A 292 -3.74 4.29 -12.19
N PRO A 293 -4.03 5.52 -12.64
CA PRO A 293 -3.54 5.99 -13.93
C PRO A 293 -1.99 5.94 -14.09
N PHE A 294 -1.20 6.23 -13.06
CA PHE A 294 0.25 6.05 -13.19
C PHE A 294 0.59 4.55 -13.44
N ASP A 295 -0.11 3.63 -12.77
CA ASP A 295 0.10 2.22 -13.08
C ASP A 295 -0.22 1.87 -14.53
N VAL A 296 -1.24 2.52 -15.10
CA VAL A 296 -1.57 2.17 -16.49
C VAL A 296 -0.52 2.65 -17.48
N VAL A 297 -0.07 3.88 -17.33
CA VAL A 297 0.94 4.42 -18.23
C VAL A 297 2.25 3.60 -18.22
N ARG A 298 2.70 3.23 -17.02
CA ARG A 298 3.94 2.43 -16.81
C ARG A 298 3.82 1.06 -17.48
N GLN A 299 2.64 0.45 -17.36
CA GLN A 299 2.48 -0.90 -17.85
C GLN A 299 2.07 -0.97 -19.32
N CYS A 300 1.13 -0.11 -19.72
CA CYS A 300 0.65 -0.09 -21.09
C CYS A 300 1.73 0.42 -22.05
N SER A 301 1.37 0.58 -23.31
CA SER A 301 2.31 1.06 -24.32
C SER A 301 2.09 2.54 -24.63
N GLY A 302 2.96 3.10 -25.41
CA GLY A 302 2.74 4.46 -25.82
C GLY A 302 1.80 4.50 -27.01
N VAL A 303 1.54 3.35 -27.59
CA VAL A 303 0.70 3.26 -28.76
C VAL A 303 -0.51 2.35 -28.61
N THR A 304 -1.66 2.90 -28.91
CA THR A 304 -2.90 2.19 -28.79
C THR A 304 -3.04 1.18 -29.88
N PHE A 305 -3.64 0.05 -29.56
CA PHE A 305 -4.00 -0.95 -30.54
C PHE A 305 -5.31 -0.47 -31.22
N GLN A 306 -5.06 0.11 -32.40
CA GLN A 306 -5.98 0.69 -33.39
C GLN A 306 -6.27 2.18 -33.13
C ACE B 1 -12.30 -7.20 17.57
O ACE B 1 -12.39 -5.96 17.54
CH3 ACE B 1 -13.51 -8.11 17.47
N SER B 2 -11.13 -7.77 17.89
CA SER B 2 -9.88 -7.03 18.14
C SER B 2 -8.97 -6.94 16.91
N ALA B 3 -8.18 -5.87 16.87
CA ALA B 3 -7.00 -5.83 16.01
C ALA B 3 -5.94 -6.84 16.52
N VAL B 4 -5.09 -7.32 15.62
CA VAL B 4 -4.02 -8.26 15.98
C VAL B 4 -2.68 -7.70 15.47
N LEU B 5 -1.77 -7.44 16.40
CA LEU B 5 -0.46 -6.92 16.03
C LEU B 5 0.48 -8.06 15.62
N HSV B 6 0.84 -8.10 14.35
CA HSV B 6 1.71 -9.18 13.86
CB HSV B 6 1.61 -9.30 12.33
CG HSV B 6 0.31 -9.86 11.84
ND1 HSV B 6 -0.41 -9.29 10.81
CD2 HSV B 6 -0.40 -10.95 12.23
CE1 HSV B 6 -1.49 -10.01 10.57
NE2 HSV B 6 -1.51 -11.02 11.43
C HSV B 6 3.15 -8.96 14.39
O HSV B 6 4.17 -9.23 13.74
#